data_5FJK
#
_entry.id   5FJK
#
_cell.length_a   89.900
_cell.length_b   91.270
_cell.length_c   98.990
_cell.angle_alpha   90.00
_cell.angle_beta   90.00
_cell.angle_gamma   90.00
#
_symmetry.space_group_name_H-M   'C 2 2 21'
#
loop_
_entity.id
_entity.type
_entity.pdbx_description
1 polymer 'LYSINE-SPECIFIC DEMETHYLASE 4C'
2 non-polymer 'ZINC ION'
3 non-polymer 'NICKEL (II) ION'
4 non-polymer 6-ethyl-5-methyl-7-oxidanylidene-1H-pyrazolo[1,5-a]pyrimidine-3-carbonitrile
5 non-polymer 'CHLORIDE ION'
6 non-polymer 1,2-ETHANEDIOL
7 water water
#
_entity_poly.entity_id   1
_entity_poly.type   'polypeptide(L)'
_entity_poly.pdbx_seq_one_letter_code
;GPMNVAEVESPLNPSCKIMTFRPSMEEFREFNKYLAYMESKGAHRAGLAKVIPPKEWKPRQCYDDIDNLLIPAPIQQMVT
GQSGLFTQYNIQKKAMTVKEFRQLANSGKYCTPRYLDYEDLERKYWKNLTFVAPIYGADINGSIYDEGVDEWNIARLNTV
LDVVEEECGISIEGVNTPYLYFGMWKTTFAWHTEDMDLYSINYLHFGEPKSWYAIPPEHGKRLERLAQGFFPSSSQGCDA
FLRHKMTLISPSVLKKYGIPFDKITQEAGEFMITFPYGYHAGFNHGFNCAESTNFATVRWIDYGKVAKLCTCRKDMVKIS
MDIFVRKFQPDRYQLWKQGKDIYTIDHTK
;
_entity_poly.pdbx_strand_id   A
#
loop_
_chem_comp.id
_chem_comp.type
_chem_comp.name
_chem_comp.formula
CL non-polymer 'CHLORIDE ION' 'Cl -1'
EDO non-polymer 1,2-ETHANEDIOL 'C2 H6 O2'
EM6 non-polymer 6-ethyl-5-methyl-7-oxidanylidene-1H-pyrazolo[1,5-a]pyrimidine-3-carbonitrile 'C10 H10 N4 O'
NI non-polymer 'NICKEL (II) ION' 'Ni 2'
ZN non-polymer 'ZINC ION' 'Zn 2'
#
# COMPACT_ATOMS: atom_id res chain seq x y z
N LEU A 12 -2.46 -22.12 8.37
CA LEU A 12 -1.10 -21.63 8.41
C LEU A 12 -0.67 -21.04 7.05
N ASN A 13 -1.46 -21.26 5.98
CA ASN A 13 -1.17 -20.71 4.66
C ASN A 13 0.29 -20.88 4.22
N PRO A 14 0.81 -22.11 4.23
CA PRO A 14 2.23 -22.29 3.86
C PRO A 14 2.54 -21.93 2.42
N SER A 15 1.54 -21.94 1.52
CA SER A 15 1.78 -21.51 0.14
C SER A 15 1.95 -20.00 0.01
N CYS A 16 1.60 -19.24 1.05
CA CYS A 16 1.74 -17.79 1.08
C CYS A 16 0.87 -17.12 0.02
N LYS A 17 -0.22 -17.74 -0.39
CA LYS A 17 -1.03 -17.14 -1.43
C LYS A 17 -1.96 -16.08 -0.87
N ILE A 18 -2.27 -15.08 -1.69
CA ILE A 18 -3.17 -13.99 -1.27
C ILE A 18 -4.55 -14.55 -1.02
N MET A 19 -5.09 -14.32 0.18
CA MET A 19 -6.42 -14.77 0.55
C MET A 19 -7.45 -13.67 0.34
N THR A 20 -8.66 -14.10 -0.03
CA THR A 20 -9.80 -13.21 -0.16
C THR A 20 -10.84 -13.60 0.87
N PHE A 21 -11.31 -12.62 1.62
CA PHE A 21 -12.28 -12.85 2.69
C PHE A 21 -13.60 -12.22 2.33
N ARG A 22 -14.70 -12.90 2.69
CA ARG A 22 -16.05 -12.46 2.38
C ARG A 22 -16.88 -12.49 3.66
N PRO A 23 -16.62 -11.57 4.60
CA PRO A 23 -17.35 -11.61 5.88
C PRO A 23 -18.83 -11.35 5.73
N SER A 24 -19.63 -12.02 6.59
CA SER A 24 -21.00 -11.62 6.83
C SER A 24 -21.01 -10.25 7.50
N MET A 25 -22.18 -9.59 7.49
CA MET A 25 -22.27 -8.32 8.22
C MET A 25 -21.90 -8.48 9.69
N GLU A 26 -22.37 -9.56 10.34
CA GLU A 26 -22.01 -9.80 11.74
C GLU A 26 -20.50 -9.86 11.91
N GLU A 27 -19.79 -10.51 10.99
CA GLU A 27 -18.35 -10.63 11.11
C GLU A 27 -17.66 -9.32 10.76
N PHE A 28 -18.27 -8.54 9.88
CA PHE A 28 -17.63 -7.36 9.34
C PHE A 28 -17.65 -6.19 10.32
N ARG A 29 -18.56 -6.20 11.29
CA ARG A 29 -18.80 -4.99 12.08
C ARG A 29 -17.54 -4.53 12.80
N GLU A 30 -16.73 -5.47 13.32
CA GLU A 30 -15.56 -5.15 14.17
C GLU A 30 -14.25 -5.41 13.43
N PHE A 31 -13.65 -4.34 12.89
CA PHE A 31 -12.42 -4.48 12.09
C PHE A 31 -11.29 -5.14 12.88
N ASN A 32 -11.09 -4.77 14.15
CA ASN A 32 -9.92 -5.28 14.85
C ASN A 32 -10.04 -6.79 15.10
N LYS A 33 -11.24 -7.25 15.49
CA LYS A 33 -11.49 -8.68 15.64
C LYS A 33 -11.34 -9.40 14.30
N TYR A 34 -11.86 -8.83 13.22
CA TYR A 34 -11.76 -9.53 11.94
C TYR A 34 -10.32 -9.62 11.44
N LEU A 35 -9.52 -8.57 11.63
CA LEU A 35 -8.11 -8.68 11.27
C LEU A 35 -7.42 -9.79 12.04
N ALA A 36 -7.70 -9.94 13.34
CA ALA A 36 -7.13 -11.04 14.11
C ALA A 36 -7.54 -12.39 13.52
N TYR A 37 -8.81 -12.51 13.12
CA TYR A 37 -9.29 -13.71 12.45
C TYR A 37 -8.52 -13.96 11.16
N MET A 38 -8.31 -12.91 10.34
CA MET A 38 -7.59 -13.09 9.08
C MET A 38 -6.18 -13.63 9.34
N GLU A 39 -5.48 -13.07 10.33
CA GLU A 39 -4.14 -13.56 10.61
C GLU A 39 -4.16 -14.95 11.21
N SER A 40 -5.24 -15.33 11.91
CA SER A 40 -5.31 -16.67 12.46
C SER A 40 -5.44 -17.71 11.35
N LYS A 41 -5.86 -17.29 10.16
CA LYS A 41 -5.92 -18.16 9.00
C LYS A 41 -4.67 -18.04 8.14
N GLY A 42 -3.68 -17.27 8.60
CA GLY A 42 -2.43 -17.10 7.87
C GLY A 42 -2.44 -16.09 6.74
N ALA A 43 -3.39 -15.15 6.71
CA ALA A 43 -3.48 -14.19 5.61
C ALA A 43 -2.20 -13.36 5.47
N HIS A 44 -1.57 -13.02 6.59
CA HIS A 44 -0.40 -12.13 6.55
C HIS A 44 0.79 -12.76 5.85
N ARG A 45 0.83 -14.09 5.73
CA ARG A 45 1.97 -14.73 5.09
C ARG A 45 2.11 -14.34 3.63
N ALA A 46 1.01 -13.94 2.96
CA ALA A 46 1.08 -13.46 1.59
C ALA A 46 1.57 -12.02 1.45
N GLY A 47 1.48 -11.21 2.52
CA GLY A 47 1.82 -9.80 2.45
C GLY A 47 0.66 -8.90 2.14
N LEU A 48 -0.42 -9.46 1.60
CA LEU A 48 -1.55 -8.72 1.08
C LEU A 48 -2.76 -9.62 1.20
N ALA A 49 -3.91 -9.06 1.58
CA ALA A 49 -5.18 -9.81 1.58
C ALA A 49 -6.27 -8.89 1.06
N LYS A 50 -7.34 -9.49 0.51
CA LYS A 50 -8.51 -8.78 0.05
C LYS A 50 -9.68 -9.05 0.99
N VAL A 51 -10.45 -8.00 1.31
CA VAL A 51 -11.69 -8.16 2.05
C VAL A 51 -12.81 -7.53 1.22
N ILE A 52 -13.81 -8.35 0.91
CA ILE A 52 -15.01 -7.90 0.21
C ILE A 52 -16.10 -7.68 1.25
N PRO A 53 -16.55 -6.44 1.47
CA PRO A 53 -17.59 -6.19 2.47
C PRO A 53 -18.90 -6.81 2.02
N PRO A 54 -19.81 -7.03 2.95
CA PRO A 54 -21.17 -7.48 2.57
C PRO A 54 -21.84 -6.44 1.70
N LYS A 55 -22.72 -6.89 0.79
CA LYS A 55 -23.13 -5.98 -0.28
C LYS A 55 -23.98 -4.83 0.25
N GLU A 56 -24.64 -5.03 1.38
CA GLU A 56 -25.46 -4.01 2.03
C GLU A 56 -24.65 -2.83 2.56
N TRP A 57 -23.35 -2.98 2.77
CA TRP A 57 -22.59 -1.94 3.45
C TRP A 57 -22.14 -0.88 2.45
N LYS A 58 -22.37 0.40 2.77
CA LYS A 58 -21.92 1.48 1.89
C LYS A 58 -21.28 2.58 2.73
N PRO A 59 -20.00 2.92 2.49
CA PRO A 59 -19.39 4.03 3.25
C PRO A 59 -19.81 5.41 2.77
N ARG A 60 -20.36 5.53 1.57
CA ARG A 60 -20.82 6.82 1.06
C ARG A 60 -22.05 6.60 0.21
N GLN A 61 -23.12 7.35 0.49
CA GLN A 61 -24.37 7.15 -0.24
C GLN A 61 -24.27 7.65 -1.68
N CYS A 62 -23.55 8.74 -1.92
CA CYS A 62 -23.47 9.34 -3.25
C CYS A 62 -22.10 9.99 -3.42
N TYR A 63 -21.42 9.69 -4.53
CA TYR A 63 -20.10 10.25 -4.82
C TYR A 63 -20.12 11.46 -5.75
N ASP A 64 -21.29 11.95 -6.15
CA ASP A 64 -21.36 13.01 -7.16
C ASP A 64 -20.55 14.25 -6.76
N ASP A 65 -20.62 14.66 -5.48
CA ASP A 65 -19.92 15.89 -5.07
C ASP A 65 -18.40 15.74 -5.07
N ILE A 66 -17.87 14.53 -5.18
CA ILE A 66 -16.43 14.36 -5.24
C ILE A 66 -15.86 14.94 -6.53
N ASP A 67 -16.69 15.16 -7.55
CA ASP A 67 -16.26 15.81 -8.78
C ASP A 67 -15.67 17.19 -8.51
N ASN A 68 -16.16 17.87 -7.48
CA ASN A 68 -15.78 19.24 -7.18
C ASN A 68 -14.49 19.33 -6.39
N LEU A 69 -13.96 18.20 -5.93
CA LEU A 69 -12.76 18.20 -5.11
C LEU A 69 -11.56 18.62 -5.96
N LEU A 70 -10.77 19.53 -5.42
CA LEU A 70 -9.59 20.00 -6.14
C LEU A 70 -8.41 19.09 -5.82
N ILE A 71 -7.73 18.64 -6.87
CA ILE A 71 -6.48 17.90 -6.72
C ILE A 71 -5.35 18.92 -6.76
N PRO A 72 -4.70 19.23 -5.62
CA PRO A 72 -3.76 20.37 -5.59
C PRO A 72 -2.55 20.20 -6.50
N ALA A 73 -1.95 19.01 -6.56
CA ALA A 73 -0.68 18.82 -7.26
C ALA A 73 -0.69 17.49 -8.03
N PRO A 74 -1.43 17.43 -9.14
CA PRO A 74 -1.40 16.23 -9.98
C PRO A 74 0.03 15.95 -10.44
N ILE A 75 0.39 14.67 -10.50
CA ILE A 75 1.74 14.22 -10.86
C ILE A 75 1.72 13.53 -12.22
N GLN A 76 2.63 13.95 -13.10
CA GLN A 76 2.86 13.25 -14.36
C GLN A 76 4.01 12.29 -14.14
N GLN A 77 3.74 11.01 -14.33
CA GLN A 77 4.64 9.92 -14.00
C GLN A 77 5.53 9.62 -15.19
N MET A 78 6.85 9.87 -15.05
CA MET A 78 7.82 9.70 -16.13
C MET A 78 8.64 8.45 -15.87
N VAL A 79 8.42 7.41 -16.66
CA VAL A 79 9.04 6.11 -16.44
C VAL A 79 10.15 5.90 -17.48
N THR A 80 11.36 5.49 -17.04
CA THR A 80 12.44 5.17 -17.97
C THR A 80 12.95 3.75 -17.70
N GLY A 81 13.26 3.03 -18.76
CA GLY A 81 13.91 1.76 -18.63
C GLY A 81 13.44 0.80 -19.71
N GLN A 82 13.73 -0.47 -19.52
CA GLN A 82 13.44 -1.49 -20.52
C GLN A 82 13.64 -2.85 -19.87
N SER A 83 13.12 -3.88 -20.54
CA SER A 83 13.32 -5.26 -20.12
C SER A 83 12.80 -5.49 -18.70
N GLY A 84 11.64 -4.92 -18.38
CA GLY A 84 11.00 -5.18 -17.10
C GLY A 84 11.58 -4.45 -15.92
N LEU A 85 12.50 -3.51 -16.15
CA LEU A 85 13.21 -2.80 -15.09
C LEU A 85 13.15 -1.31 -15.39
N PHE A 86 12.54 -0.54 -14.48
CA PHE A 86 12.31 0.86 -14.74
C PHE A 86 12.51 1.68 -13.47
N THR A 87 12.86 2.96 -13.65
CA THR A 87 12.80 3.93 -12.55
C THR A 87 11.86 5.04 -12.99
N GLN A 88 11.19 5.69 -12.02
CA GLN A 88 10.29 6.80 -12.32
C GLN A 88 10.78 8.09 -11.69
N TYR A 89 10.33 9.19 -12.28
CA TYR A 89 10.38 10.47 -11.59
C TYR A 89 9.09 11.19 -11.90
N ASN A 90 8.87 12.28 -11.17
CA ASN A 90 7.59 12.97 -11.17
C ASN A 90 7.76 14.37 -11.71
N ILE A 91 6.77 14.80 -12.47
CA ILE A 91 6.63 16.18 -12.94
C ILE A 91 5.31 16.71 -12.39
N GLN A 92 5.36 17.87 -11.73
CA GLN A 92 4.15 18.38 -11.08
C GLN A 92 3.34 19.24 -12.05
N LYS A 93 2.05 18.95 -12.16
CA LYS A 93 1.13 19.72 -12.98
C LYS A 93 0.34 20.70 -12.12
N LYS A 94 -0.26 21.68 -12.78
CA LYS A 94 -1.16 22.59 -12.11
C LYS A 94 -2.38 21.85 -11.56
N ALA A 95 -2.97 22.42 -10.51
CA ALA A 95 -4.12 21.82 -9.83
C ALA A 95 -5.28 21.67 -10.80
N MET A 96 -6.12 20.67 -10.55
CA MET A 96 -7.29 20.45 -11.39
C MET A 96 -8.33 19.75 -10.52
N THR A 97 -9.61 19.93 -10.87
CA THR A 97 -10.65 19.23 -10.12
C THR A 97 -10.73 17.76 -10.52
N VAL A 98 -11.37 16.97 -9.66
CA VAL A 98 -11.61 15.58 -9.98
C VAL A 98 -12.37 15.45 -11.30
N LYS A 99 -13.34 16.34 -11.53
CA LYS A 99 -14.09 16.29 -12.78
C LYS A 99 -13.16 16.47 -13.98
N GLU A 100 -12.28 17.46 -13.89
CA GLU A 100 -11.33 17.69 -14.98
C GLU A 100 -10.39 16.51 -15.15
N PHE A 101 -9.96 15.92 -14.03
CA PHE A 101 -9.09 14.75 -14.08
C PHE A 101 -9.80 13.56 -14.72
N ARG A 102 -11.07 13.35 -14.36
CA ARG A 102 -11.81 12.23 -14.95
C ARG A 102 -11.96 12.41 -16.45
N GLN A 103 -12.26 13.63 -16.90
CA GLN A 103 -12.39 13.90 -18.33
C GLN A 103 -11.08 13.63 -19.05
N LEU A 104 -9.96 14.02 -18.43
CA LEU A 104 -8.64 13.73 -18.99
C LEU A 104 -8.38 12.24 -19.05
N ALA A 105 -8.68 11.52 -17.96
CA ALA A 105 -8.43 10.08 -17.91
C ALA A 105 -9.20 9.34 -18.99
N ASN A 106 -10.41 9.80 -19.30
CA ASN A 106 -11.29 9.13 -20.25
C ASN A 106 -11.02 9.56 -21.69
N SER A 107 -10.13 10.53 -21.90
CA SER A 107 -9.80 10.99 -23.23
C SER A 107 -9.00 9.93 -23.99
N GLY A 108 -9.04 10.00 -25.33
CA GLY A 108 -8.35 8.99 -26.11
C GLY A 108 -6.86 8.86 -25.80
N LYS A 109 -6.21 9.96 -25.38
CA LYS A 109 -4.78 9.89 -25.07
C LYS A 109 -4.50 9.04 -23.82
N TYR A 110 -5.41 9.05 -22.86
CA TYR A 110 -5.15 8.49 -21.53
C TYR A 110 -6.05 7.31 -21.15
N CYS A 111 -7.03 6.98 -21.97
CA CYS A 111 -8.02 5.99 -21.50
C CYS A 111 -7.45 4.56 -21.54
N THR A 112 -8.07 3.68 -20.76
CA THR A 112 -7.74 2.26 -20.79
C THR A 112 -7.79 1.75 -22.23
N PRO A 113 -6.82 0.95 -22.67
CA PRO A 113 -6.92 0.28 -23.97
C PRO A 113 -8.02 -0.77 -23.96
N ARG A 114 -8.48 -1.14 -25.16
CA ARG A 114 -9.30 -2.35 -25.28
C ARG A 114 -8.52 -3.55 -24.79
N TYR A 115 -9.18 -4.50 -24.15
CA TYR A 115 -8.44 -5.65 -23.63
C TYR A 115 -9.40 -6.81 -23.52
N LEU A 116 -8.84 -8.02 -23.50
CA LEU A 116 -9.68 -9.21 -23.40
C LEU A 116 -9.99 -9.56 -21.95
N ASP A 117 -8.98 -9.71 -21.10
CA ASP A 117 -9.17 -10.02 -19.70
C ASP A 117 -8.04 -9.34 -18.92
N TYR A 118 -8.03 -9.53 -17.59
CA TYR A 118 -7.06 -8.84 -16.75
C TYR A 118 -5.63 -9.22 -17.08
N GLU A 119 -5.40 -10.45 -17.53
CA GLU A 119 -4.03 -10.85 -17.90
C GLU A 119 -3.58 -10.11 -19.15
N ASP A 120 -4.48 -9.98 -20.13
CA ASP A 120 -4.20 -9.20 -21.32
C ASP A 120 -3.89 -7.74 -20.97
N LEU A 121 -4.69 -7.14 -20.10
CA LEU A 121 -4.45 -5.75 -19.71
C LEU A 121 -3.11 -5.62 -18.99
N GLU A 122 -2.77 -6.59 -18.15
CA GLU A 122 -1.45 -6.58 -17.49
C GLU A 122 -0.33 -6.58 -18.52
N ARG A 123 -0.44 -7.42 -19.56
CA ARG A 123 0.57 -7.42 -20.61
C ARG A 123 0.68 -6.05 -21.26
N LYS A 124 -0.46 -5.41 -21.53
CA LYS A 124 -0.42 -4.10 -22.15
C LYS A 124 0.21 -3.06 -21.23
N TYR A 125 -0.06 -3.13 -19.92
CA TYR A 125 0.59 -2.24 -18.97
C TYR A 125 2.11 -2.30 -19.14
N TRP A 126 2.68 -3.49 -19.03
CA TRP A 126 4.13 -3.61 -19.05
C TRP A 126 4.73 -3.30 -20.41
N LYS A 127 3.96 -3.43 -21.50
CA LYS A 127 4.46 -3.12 -22.83
C LYS A 127 4.38 -1.65 -23.16
N ASN A 128 3.55 -0.85 -22.45
CA ASN A 128 3.29 0.52 -22.87
C ASN A 128 3.75 1.56 -21.85
N LEU A 129 4.46 1.12 -20.80
CA LEU A 129 4.89 2.01 -19.73
C LEU A 129 5.71 3.21 -20.20
N THR A 130 6.46 3.09 -21.29
CA THR A 130 7.38 4.16 -21.68
C THR A 130 6.90 4.97 -22.88
N PHE A 131 5.61 4.92 -23.18
CA PHE A 131 5.03 5.83 -24.16
C PHE A 131 4.38 6.99 -23.42
N VAL A 132 3.07 7.22 -23.55
CA VAL A 132 2.47 8.41 -22.94
C VAL A 132 2.56 8.33 -21.43
N ALA A 133 2.94 9.46 -20.81
CA ALA A 133 3.08 9.51 -19.37
C ALA A 133 1.74 9.79 -18.73
N PRO A 134 1.25 8.92 -17.85
CA PRO A 134 -0.05 9.15 -17.22
C PRO A 134 0.07 10.09 -16.02
N ILE A 135 -1.08 10.50 -15.51
CA ILE A 135 -1.14 11.53 -14.47
C ILE A 135 -1.97 10.98 -13.31
N TYR A 136 -1.53 11.24 -12.07
CA TYR A 136 -2.32 10.78 -10.93
C TYR A 136 -2.38 11.86 -9.84
N GLY A 137 -3.31 11.70 -8.90
CA GLY A 137 -3.32 12.51 -7.68
C GLY A 137 -3.07 11.61 -6.49
N ALA A 138 -2.20 12.06 -5.56
CA ALA A 138 -1.88 11.18 -4.44
C ALA A 138 -1.62 11.97 -3.16
N ASP A 139 -1.70 11.27 -2.03
CA ASP A 139 -1.37 11.84 -0.72
C ASP A 139 -2.20 13.08 -0.42
N ILE A 140 -3.44 13.07 -0.89
CA ILE A 140 -4.39 14.14 -0.64
C ILE A 140 -5.04 13.90 0.72
N ASN A 141 -4.88 14.84 1.65
CA ASN A 141 -5.39 14.62 3.01
C ASN A 141 -6.91 14.59 3.01
N GLY A 142 -7.47 13.54 3.62
CA GLY A 142 -8.89 13.51 3.86
C GLY A 142 -9.55 12.17 3.61
N SER A 143 -10.75 12.01 4.15
CA SER A 143 -11.58 10.84 4.00
C SER A 143 -12.83 11.26 3.24
N ILE A 144 -13.40 10.36 2.45
CA ILE A 144 -14.67 10.68 1.82
C ILE A 144 -15.77 9.71 2.27
N TYR A 145 -15.55 9.00 3.36
CA TYR A 145 -16.67 8.35 4.02
C TYR A 145 -17.73 9.37 4.42
N ASP A 146 -18.99 8.95 4.41
CA ASP A 146 -20.02 9.74 5.08
C ASP A 146 -19.75 9.82 6.58
N GLU A 147 -20.28 10.88 7.19
CA GLU A 147 -20.22 11.00 8.63
C GLU A 147 -21.07 9.89 9.24
N GLY A 148 -20.60 9.34 10.37
CA GLY A 148 -21.35 8.36 11.12
C GLY A 148 -21.06 6.90 10.78
N VAL A 149 -20.29 6.62 9.73
CA VAL A 149 -20.02 5.24 9.32
C VAL A 149 -19.08 4.62 10.35
N ASP A 150 -19.57 3.62 11.12
CA ASP A 150 -18.74 3.12 12.20
C ASP A 150 -17.91 1.87 11.86
N GLU A 151 -18.24 1.16 10.79
CA GLU A 151 -17.50 -0.04 10.42
C GLU A 151 -16.34 0.33 9.50
N TRP A 152 -15.17 -0.23 9.78
CA TRP A 152 -14.03 -0.15 8.84
C TRP A 152 -13.79 1.30 8.39
N ASN A 153 -13.88 2.22 9.35
CA ASN A 153 -13.70 3.64 9.03
C ASN A 153 -12.21 3.93 9.06
N ILE A 154 -11.64 4.10 7.87
CA ILE A 154 -10.19 4.25 7.69
C ILE A 154 -9.66 5.43 8.50
N ALA A 155 -10.49 6.44 8.75
CA ALA A 155 -10.04 7.58 9.55
C ALA A 155 -9.96 7.30 11.05
N ARG A 156 -10.53 6.19 11.54
CA ARG A 156 -10.57 5.95 12.98
C ARG A 156 -10.68 4.45 13.27
N LEU A 157 -9.62 3.71 12.94
CA LEU A 157 -9.55 2.26 13.09
C LEU A 157 -9.28 1.77 14.50
N ASN A 158 -8.81 2.63 15.40
CA ASN A 158 -8.54 2.31 16.79
C ASN A 158 -7.53 1.19 16.95
N THR A 159 -6.35 1.39 16.36
CA THR A 159 -5.29 0.40 16.52
C THR A 159 -4.22 0.93 17.49
N VAL A 160 -3.14 0.16 17.61
CA VAL A 160 -2.09 0.50 18.57
C VAL A 160 -1.49 1.87 18.28
N LEU A 161 -1.48 2.31 17.01
CA LEU A 161 -0.97 3.66 16.72
C LEU A 161 -1.80 4.72 17.45
N ASP A 162 -3.12 4.56 17.41
CA ASP A 162 -4.02 5.53 18.03
C ASP A 162 -3.92 5.49 19.55
N VAL A 163 -3.67 4.31 20.10
CA VAL A 163 -3.55 4.19 21.56
C VAL A 163 -2.39 5.05 22.06
N VAL A 164 -1.20 4.89 21.46
CA VAL A 164 -0.06 5.60 22.02
C VAL A 164 -0.16 7.08 21.72
N GLU A 165 -0.82 7.46 20.61
CA GLU A 165 -0.99 8.87 20.32
C GLU A 165 -1.91 9.53 21.35
N GLU A 166 -3.06 8.92 21.61
CA GLU A 166 -4.08 9.49 22.50
C GLU A 166 -3.74 9.33 23.97
N GLU A 167 -3.25 8.16 24.38
CA GLU A 167 -3.00 7.94 25.81
C GLU A 167 -1.61 8.37 26.24
N CYS A 168 -0.62 8.31 25.35
CA CYS A 168 0.76 8.55 25.72
C CYS A 168 1.35 9.81 25.10
N GLY A 169 0.60 10.52 24.26
CA GLY A 169 1.12 11.76 23.70
C GLY A 169 2.23 11.60 22.70
N ILE A 170 2.32 10.46 22.04
CA ILE A 170 3.39 10.17 21.10
C ILE A 170 2.97 10.61 19.70
N SER A 171 3.88 11.30 19.00
CA SER A 171 3.62 11.71 17.62
C SER A 171 3.66 10.52 16.67
N ILE A 172 2.60 10.37 15.87
CA ILE A 172 2.55 9.32 14.86
C ILE A 172 2.94 9.86 13.48
N GLU A 173 3.27 11.14 13.39
CA GLU A 173 3.82 11.73 12.16
C GLU A 173 2.83 11.62 11.00
N GLY A 174 1.54 11.75 11.31
CA GLY A 174 0.53 11.78 10.28
C GLY A 174 0.30 10.48 9.53
N VAL A 175 0.92 9.37 9.93
CA VAL A 175 0.77 8.15 9.13
C VAL A 175 -0.57 7.48 9.35
N ASN A 176 -1.27 7.80 10.44
CA ASN A 176 -2.54 7.16 10.78
C ASN A 176 -3.75 8.05 10.43
N THR A 177 -3.62 8.88 9.40
CA THR A 177 -4.68 9.73 8.91
C THR A 177 -4.96 9.34 7.47
N PRO A 178 -6.15 9.63 6.95
CA PRO A 178 -6.52 9.11 5.62
C PRO A 178 -5.98 9.96 4.48
N TYR A 179 -5.65 9.27 3.41
CA TYR A 179 -5.22 9.88 2.16
C TYR A 179 -6.02 9.33 0.99
N LEU A 180 -6.20 10.19 -0.02
CA LEU A 180 -6.91 9.85 -1.25
C LEU A 180 -5.93 9.76 -2.41
N TYR A 181 -6.22 8.82 -3.31
CA TYR A 181 -5.43 8.56 -4.52
C TYR A 181 -6.41 8.56 -5.68
N PHE A 182 -6.15 9.40 -6.70
CA PHE A 182 -6.96 9.37 -7.93
C PHE A 182 -6.11 8.80 -9.05
N GLY A 183 -6.55 7.68 -9.61
CA GLY A 183 -5.76 7.01 -10.63
C GLY A 183 -6.34 7.20 -12.02
N MET A 184 -5.51 6.97 -13.03
CA MET A 184 -5.97 6.74 -14.40
C MET A 184 -5.22 5.54 -14.92
N TRP A 185 -5.59 5.09 -16.13
CA TRP A 185 -4.87 3.99 -16.75
C TRP A 185 -3.36 4.19 -16.69
N LYS A 186 -2.67 3.15 -16.25
CA LYS A 186 -1.21 2.96 -16.36
C LYS A 186 -0.49 3.72 -15.25
N THR A 187 -1.21 4.38 -14.35
CA THR A 187 -0.53 4.99 -13.22
C THR A 187 -0.07 3.91 -12.27
N THR A 188 1.11 4.11 -11.71
CA THR A 188 1.88 3.05 -11.09
C THR A 188 2.15 3.35 -9.65
N PHE A 189 2.05 2.33 -8.78
CA PHE A 189 2.72 2.41 -7.49
C PHE A 189 3.88 1.42 -7.50
N ALA A 190 5.10 1.93 -7.31
CA ALA A 190 6.33 1.17 -7.41
C ALA A 190 6.51 0.27 -6.17
N TRP A 191 7.51 -0.61 -6.23
CA TRP A 191 7.69 -1.59 -5.15
C TRP A 191 8.01 -0.91 -3.84
N HIS A 192 7.32 -1.30 -2.76
CA HIS A 192 7.64 -0.74 -1.45
C HIS A 192 7.00 -1.56 -0.33
N THR A 193 7.55 -1.42 0.87
CA THR A 193 6.78 -1.67 2.08
C THR A 193 6.33 -0.32 2.62
N GLU A 194 5.43 -0.35 3.61
CA GLU A 194 4.97 0.89 4.20
C GLU A 194 6.07 1.54 5.05
N ASP A 195 5.90 2.82 5.32
CA ASP A 195 6.74 3.49 6.33
C ASP A 195 6.79 2.67 7.61
N MET A 196 8.00 2.50 8.15
CA MET A 196 8.22 1.75 9.40
C MET A 196 7.72 0.30 9.31
N ASP A 197 7.55 -0.20 8.07
CA ASP A 197 7.02 -1.54 7.79
C ASP A 197 5.67 -1.75 8.49
N LEU A 198 4.86 -0.69 8.50
CA LEU A 198 3.50 -0.73 9.05
C LEU A 198 2.54 -1.56 8.16
N TYR A 199 1.36 -1.85 8.72
CA TYR A 199 0.26 -2.28 7.85
C TYR A 199 -0.28 -1.10 7.04
N SER A 200 -1.03 -1.41 5.98
CA SER A 200 -1.88 -0.39 5.38
C SER A 200 -3.22 -1.00 5.04
N ILE A 201 -4.22 -0.14 4.85
CA ILE A 201 -5.53 -0.56 4.36
C ILE A 201 -5.94 0.40 3.23
N ASN A 202 -6.53 -0.14 2.17
CA ASN A 202 -6.85 0.60 0.96
C ASN A 202 -8.26 0.22 0.56
N TYR A 203 -9.15 1.21 0.48
CA TYR A 203 -10.52 0.98 0.00
C TYR A 203 -10.69 1.64 -1.36
N LEU A 204 -11.19 0.89 -2.33
CA LEU A 204 -11.38 1.48 -3.67
C LEU A 204 -12.82 2.00 -3.70
N HIS A 205 -12.99 3.32 -3.56
CA HIS A 205 -14.34 3.90 -3.48
C HIS A 205 -15.13 3.71 -4.77
N PHE A 206 -14.53 4.06 -5.92
CA PHE A 206 -15.26 4.00 -7.19
C PHE A 206 -14.28 3.99 -8.36
N GLY A 207 -14.80 3.65 -9.54
CA GLY A 207 -14.02 3.64 -10.76
C GLY A 207 -13.49 2.26 -11.12
N GLU A 208 -12.46 2.28 -11.96
CA GLU A 208 -11.89 1.09 -12.54
C GLU A 208 -10.97 0.36 -11.55
N PRO A 209 -10.66 -0.91 -11.80
CA PRO A 209 -9.90 -1.68 -10.81
C PRO A 209 -8.46 -1.21 -10.63
N LYS A 210 -7.84 -1.82 -9.60
CA LYS A 210 -6.44 -1.59 -9.26
C LYS A 210 -5.78 -2.96 -9.16
N SER A 211 -4.73 -3.22 -9.93
CA SER A 211 -4.05 -4.50 -9.82
C SER A 211 -2.87 -4.38 -8.86
N TRP A 212 -2.62 -5.46 -8.11
CA TRP A 212 -1.60 -5.50 -7.07
C TRP A 212 -0.70 -6.71 -7.26
N TYR A 213 0.59 -6.52 -6.98
CA TYR A 213 1.57 -7.59 -6.83
C TYR A 213 2.03 -7.59 -5.39
N ALA A 214 2.29 -8.77 -4.85
CA ALA A 214 2.76 -8.82 -3.46
C ALA A 214 3.80 -9.90 -3.32
N ILE A 215 4.83 -9.64 -2.52
CA ILE A 215 5.83 -10.64 -2.18
C ILE A 215 5.63 -11.02 -0.71
N PRO A 216 5.58 -12.31 -0.37
CA PRO A 216 5.46 -12.72 1.04
C PRO A 216 6.53 -12.06 1.88
N PRO A 217 6.20 -11.57 3.07
CA PRO A 217 7.26 -11.04 3.96
C PRO A 217 8.45 -11.97 4.17
N GLU A 218 8.23 -13.29 4.23
CA GLU A 218 9.34 -14.22 4.42
C GLU A 218 10.24 -14.31 3.20
N HIS A 219 9.91 -13.63 2.10
CA HIS A 219 10.78 -13.55 0.94
C HIS A 219 11.15 -12.11 0.61
N GLY A 220 10.83 -11.15 1.47
CA GLY A 220 11.07 -9.76 1.13
C GLY A 220 12.52 -9.45 0.91
N LYS A 221 13.41 -10.08 1.69
CA LYS A 221 14.85 -9.85 1.49
C LYS A 221 15.31 -10.25 0.10
N ARG A 222 14.66 -11.24 -0.51
CA ARG A 222 15.03 -11.62 -1.86
C ARG A 222 14.72 -10.51 -2.85
N LEU A 223 13.57 -9.84 -2.70
CA LEU A 223 13.28 -8.70 -3.56
C LEU A 223 14.32 -7.62 -3.36
N GLU A 224 14.67 -7.32 -2.12
CA GLU A 224 15.69 -6.30 -1.88
C GLU A 224 17.02 -6.65 -2.54
N ARG A 225 17.46 -7.92 -2.43
CA ARG A 225 18.75 -8.27 -3.05
C ARG A 225 18.67 -8.18 -4.56
N LEU A 226 17.54 -8.60 -5.14
CA LEU A 226 17.39 -8.51 -6.58
C LEU A 226 17.44 -7.06 -7.05
N ALA A 227 16.70 -6.18 -6.36
CA ALA A 227 16.71 -4.76 -6.70
C ALA A 227 18.09 -4.14 -6.52
N GLN A 228 18.83 -4.56 -5.48
CA GLN A 228 20.17 -4.03 -5.30
C GLN A 228 21.08 -4.44 -6.45
N GLY A 229 20.88 -5.65 -7.00
CA GLY A 229 21.70 -6.08 -8.13
C GLY A 229 21.35 -5.36 -9.42
N PHE A 230 20.09 -4.99 -9.60
CA PHE A 230 19.67 -4.35 -10.84
C PHE A 230 19.74 -2.84 -10.78
N PHE A 231 19.78 -2.24 -9.58
CA PHE A 231 19.86 -0.79 -9.45
C PHE A 231 21.01 -0.45 -8.50
N PRO A 232 22.23 -0.89 -8.84
CA PRO A 232 23.35 -0.69 -7.90
C PRO A 232 23.64 0.76 -7.60
N SER A 233 23.42 1.68 -8.55
CA SER A 233 23.61 3.10 -8.21
C SER A 233 22.59 3.56 -7.18
N SER A 234 21.31 3.21 -7.37
CA SER A 234 20.28 3.51 -6.38
C SER A 234 20.66 2.96 -5.02
N SER A 235 21.15 1.72 -4.99
CA SER A 235 21.51 1.06 -3.76
C SER A 235 22.69 1.74 -3.07
N GLN A 236 23.71 2.14 -3.83
CA GLN A 236 24.81 2.84 -3.22
C GLN A 236 24.36 4.12 -2.53
N GLY A 237 23.39 4.83 -3.12
CA GLY A 237 22.96 6.11 -2.55
C GLY A 237 22.11 5.99 -1.31
N CYS A 238 21.35 4.91 -1.18
CA CYS A 238 20.47 4.72 -0.02
C CYS A 238 20.27 3.24 0.23
N ASP A 239 20.68 2.79 1.42
CA ASP A 239 20.40 1.43 1.89
C ASP A 239 18.94 1.05 1.74
N ALA A 240 18.05 2.01 1.85
CA ALA A 240 16.63 1.70 1.82
C ALA A 240 15.97 2.34 0.60
N PHE A 241 16.64 2.27 -0.56
CA PHE A 241 16.18 3.07 -1.70
C PHE A 241 14.81 2.64 -2.23
N LEU A 242 14.36 1.42 -1.96
CA LEU A 242 13.02 1.09 -2.41
C LEU A 242 11.96 1.96 -1.72
N ARG A 243 12.27 2.50 -0.52
CA ARG A 243 11.34 3.43 0.10
C ARG A 243 11.15 4.72 -0.68
N HIS A 244 12.02 5.02 -1.65
CA HIS A 244 11.80 6.20 -2.48
C HIS A 244 10.59 6.01 -3.39
N LYS A 245 10.11 4.77 -3.55
CA LYS A 245 8.93 4.44 -4.34
C LYS A 245 9.08 4.84 -5.80
N MET A 246 10.27 4.59 -6.36
CA MET A 246 10.56 4.93 -7.74
C MET A 246 11.04 3.74 -8.56
N THR A 247 10.99 2.52 -8.00
CA THR A 247 11.59 1.35 -8.63
C THR A 247 10.51 0.38 -9.10
N LEU A 248 10.49 0.09 -10.40
CA LEU A 248 9.54 -0.87 -10.98
C LEU A 248 10.28 -2.12 -11.45
N ILE A 249 9.67 -3.28 -11.17
CA ILE A 249 10.21 -4.58 -11.54
C ILE A 249 9.04 -5.44 -11.95
N SER A 250 9.04 -5.92 -13.21
CA SER A 250 7.90 -6.65 -13.76
C SER A 250 7.81 -8.06 -13.20
N PRO A 251 6.63 -8.67 -13.26
CA PRO A 251 6.54 -10.09 -12.85
C PRO A 251 7.36 -11.02 -13.73
N SER A 252 7.66 -10.66 -14.98
CA SER A 252 8.52 -11.51 -15.80
C SER A 252 9.91 -11.60 -15.20
N VAL A 253 10.43 -10.48 -14.70
CA VAL A 253 11.74 -10.50 -14.05
C VAL A 253 11.68 -11.31 -12.74
N LEU A 254 10.62 -11.11 -11.95
CA LEU A 254 10.45 -11.90 -10.72
C LEU A 254 10.41 -13.39 -11.04
N LYS A 255 9.66 -13.78 -12.08
CA LYS A 255 9.60 -15.19 -12.46
C LYS A 255 10.95 -15.70 -12.90
N LYS A 256 11.68 -14.91 -13.68
CA LYS A 256 12.98 -15.35 -14.18
C LYS A 256 13.96 -15.62 -13.05
N TYR A 257 13.92 -14.82 -11.98
CA TYR A 257 14.85 -15.00 -10.88
C TYR A 257 14.29 -15.84 -9.74
N GLY A 258 13.07 -16.35 -9.89
CA GLY A 258 12.50 -17.24 -8.89
C GLY A 258 12.00 -16.57 -7.63
N ILE A 259 11.68 -15.29 -7.67
CA ILE A 259 11.20 -14.59 -6.48
C ILE A 259 9.73 -14.94 -6.31
N PRO A 260 9.31 -15.53 -5.21
CA PRO A 260 7.87 -15.82 -5.05
C PRO A 260 7.05 -14.54 -4.99
N PHE A 261 5.89 -14.57 -5.65
CA PHE A 261 4.98 -13.43 -5.60
C PHE A 261 3.59 -13.92 -6.01
N ASP A 262 2.61 -13.05 -5.80
CA ASP A 262 1.24 -13.33 -6.21
C ASP A 262 0.65 -12.03 -6.73
N LYS A 263 -0.46 -12.12 -7.45
CA LYS A 263 -1.09 -10.93 -7.99
C LYS A 263 -2.60 -11.04 -7.80
N ILE A 264 -3.23 -9.88 -7.61
CA ILE A 264 -4.68 -9.86 -7.45
C ILE A 264 -5.21 -8.53 -7.92
N THR A 265 -6.46 -8.51 -8.40
CA THR A 265 -7.07 -7.27 -8.82
C THR A 265 -8.17 -6.89 -7.84
N GLN A 266 -8.11 -5.63 -7.39
CA GLN A 266 -9.07 -5.05 -6.46
C GLN A 266 -10.13 -4.31 -7.27
N GLU A 267 -11.40 -4.67 -7.09
CA GLU A 267 -12.50 -3.99 -7.75
C GLU A 267 -13.07 -2.91 -6.86
N ALA A 268 -13.87 -2.03 -7.46
CA ALA A 268 -14.52 -1.00 -6.67
C ALA A 268 -15.36 -1.64 -5.55
N GLY A 269 -15.25 -1.03 -4.37
CA GLY A 269 -15.95 -1.50 -3.19
C GLY A 269 -15.22 -2.53 -2.38
N GLU A 270 -13.97 -2.84 -2.72
CA GLU A 270 -13.19 -3.87 -2.04
C GLU A 270 -12.04 -3.24 -1.25
N PHE A 271 -11.71 -3.84 -0.12
CA PHE A 271 -10.54 -3.44 0.66
C PHE A 271 -9.35 -4.31 0.31
N MET A 272 -8.15 -3.72 0.34
CA MET A 272 -6.89 -4.47 0.39
C MET A 272 -6.16 -4.11 1.67
N ILE A 273 -5.62 -5.12 2.35
CA ILE A 273 -4.81 -4.89 3.55
C ILE A 273 -3.40 -5.34 3.20
N THR A 274 -2.40 -4.49 3.47
CA THR A 274 -1.03 -4.95 3.36
C THR A 274 -0.48 -5.14 4.76
N PHE A 275 0.39 -6.12 4.88
CA PHE A 275 0.89 -6.55 6.17
C PHE A 275 2.33 -6.12 6.35
N PRO A 276 2.82 -6.08 7.60
CA PRO A 276 4.19 -5.62 7.85
C PRO A 276 5.23 -6.34 7.01
N TYR A 277 6.11 -5.53 6.36
CA TYR A 277 7.18 -6.00 5.49
C TYR A 277 6.65 -6.77 4.27
N GLY A 278 5.41 -6.50 3.89
CA GLY A 278 4.83 -7.08 2.65
C GLY A 278 5.11 -6.14 1.49
N TYR A 279 6.12 -6.43 0.68
CA TYR A 279 6.39 -5.63 -0.52
C TYR A 279 5.22 -5.75 -1.50
N HIS A 280 4.81 -4.60 -2.04
CA HIS A 280 3.73 -4.57 -3.02
C HIS A 280 3.99 -3.47 -4.03
N ALA A 281 3.35 -3.62 -5.19
CA ALA A 281 3.43 -2.71 -6.33
C ALA A 281 2.14 -2.93 -7.12
N GLY A 282 1.88 -2.06 -8.08
CA GLY A 282 0.73 -2.29 -8.92
C GLY A 282 0.42 -1.11 -9.80
N PHE A 283 -0.80 -1.16 -10.37
CA PHE A 283 -1.17 -0.12 -11.34
C PHE A 283 -2.68 -0.01 -11.40
N ASN A 284 -3.14 1.16 -11.83
CA ASN A 284 -4.56 1.42 -11.97
C ASN A 284 -5.05 1.10 -13.37
N HIS A 285 -6.28 0.56 -13.46
CA HIS A 285 -6.78 0.16 -14.78
C HIS A 285 -7.37 1.33 -15.56
N GLY A 286 -7.76 2.39 -14.87
CA GLY A 286 -8.55 3.46 -15.45
C GLY A 286 -8.83 4.45 -14.36
N PHE A 287 -9.69 5.44 -14.65
CA PHE A 287 -10.06 6.42 -13.63
C PHE A 287 -10.60 5.73 -12.39
N ASN A 288 -10.01 6.05 -11.22
CA ASN A 288 -10.59 5.53 -9.98
C ASN A 288 -10.19 6.41 -8.80
N CYS A 289 -10.77 6.08 -7.64
CA CYS A 289 -10.51 6.83 -6.41
C CYS A 289 -10.38 5.84 -5.27
N ALA A 290 -9.26 5.90 -4.54
CA ALA A 290 -9.03 5.03 -3.41
C ALA A 290 -8.66 5.87 -2.19
N GLU A 291 -8.96 5.32 -1.01
CA GLU A 291 -8.62 5.94 0.27
C GLU A 291 -7.76 4.97 1.07
N SER A 292 -6.73 5.49 1.75
CA SER A 292 -5.78 4.57 2.36
C SER A 292 -5.25 5.18 3.67
N THR A 293 -4.79 4.31 4.57
CA THR A 293 -4.07 4.78 5.77
C THR A 293 -3.15 3.66 6.24
N ASN A 294 -2.21 4.02 7.13
CA ASN A 294 -1.41 3.05 7.85
C ASN A 294 -2.00 2.75 9.23
N PHE A 295 -1.70 1.55 9.73
CA PHE A 295 -2.07 1.18 11.10
C PHE A 295 -1.11 0.12 11.61
N ALA A 296 -1.24 -0.23 12.90
CA ALA A 296 -0.35 -1.20 13.51
C ALA A 296 -1.13 -2.11 14.43
N THR A 297 -0.57 -3.29 14.67
CA THR A 297 -0.97 -4.20 15.75
C THR A 297 0.24 -4.50 16.60
N VAL A 298 0.03 -5.25 17.68
CA VAL A 298 1.16 -5.62 18.50
C VAL A 298 2.16 -6.43 17.71
N ARG A 299 1.67 -7.26 16.75
CA ARG A 299 2.59 -8.09 15.99
C ARG A 299 3.52 -7.23 15.15
N TRP A 300 3.07 -6.02 14.80
CA TRP A 300 3.98 -5.10 14.06
C TRP A 300 5.21 -4.65 14.86
N ILE A 301 5.17 -4.63 16.20
CA ILE A 301 6.23 -3.95 16.95
C ILE A 301 7.61 -4.54 16.63
N ASP A 302 7.71 -5.87 16.50
CA ASP A 302 9.03 -6.43 16.23
C ASP A 302 9.52 -6.08 14.83
N TYR A 303 8.60 -5.82 13.89
CA TYR A 303 8.99 -5.31 12.57
C TYR A 303 9.48 -3.87 12.67
N GLY A 304 8.74 -3.04 13.40
CA GLY A 304 9.15 -1.65 13.52
C GLY A 304 10.52 -1.48 14.15
N LYS A 305 10.84 -2.34 15.13
CA LYS A 305 12.13 -2.27 15.81
C LYS A 305 13.30 -2.55 14.88
N VAL A 306 13.06 -3.28 13.79
CA VAL A 306 14.09 -3.76 12.89
C VAL A 306 14.03 -3.08 11.51
N ALA A 307 13.06 -2.19 11.30
CA ALA A 307 12.83 -1.65 9.96
C ALA A 307 14.07 -0.93 9.44
N LYS A 308 14.43 -1.19 8.20
CA LYS A 308 15.57 -0.54 7.58
C LYS A 308 15.10 0.79 7.05
N LEU A 309 15.68 1.89 7.55
CA LEU A 309 15.17 3.24 7.31
C LEU A 309 15.93 3.99 6.22
N CYS A 310 15.25 4.94 5.61
CA CYS A 310 15.83 5.70 4.52
C CYS A 310 16.98 6.58 5.01
N THR A 311 18.16 6.29 4.48
CA THR A 311 19.40 6.95 4.88
C THR A 311 19.45 8.41 4.44
N CYS A 312 19.07 8.67 3.20
CA CYS A 312 19.62 9.77 2.43
C CYS A 312 18.88 11.09 2.60
N ARG A 313 17.59 11.06 2.89
CA ARG A 313 16.79 12.28 2.99
C ARG A 313 16.25 12.42 4.40
N LYS A 314 16.31 13.65 4.91
CA LYS A 314 16.21 13.88 6.34
C LYS A 314 14.77 13.86 6.85
N ASP A 315 13.78 14.14 6.00
CA ASP A 315 12.40 14.28 6.45
C ASP A 315 11.57 13.00 6.30
N MET A 316 12.20 11.85 6.08
CA MET A 316 11.47 10.61 5.94
C MET A 316 10.78 10.25 7.26
N VAL A 317 9.67 9.52 7.16
CA VAL A 317 8.86 9.25 8.36
C VAL A 317 9.62 8.33 9.30
N LYS A 318 9.77 8.77 10.54
CA LYS A 318 10.43 7.96 11.55
C LYS A 318 9.59 8.03 12.81
N ILE A 319 9.20 6.86 13.31
CA ILE A 319 8.47 6.78 14.57
C ILE A 319 9.37 6.12 15.60
N SER A 320 9.53 6.77 16.76
CA SER A 320 10.31 6.16 17.82
C SER A 320 9.60 4.92 18.34
N MET A 321 10.34 3.81 18.46
CA MET A 321 9.71 2.56 18.89
C MET A 321 9.63 2.42 20.40
N ASP A 322 10.25 3.33 21.15
CA ASP A 322 10.43 3.15 22.58
C ASP A 322 9.09 2.89 23.29
N ILE A 323 8.07 3.69 22.97
CA ILE A 323 6.79 3.59 23.68
C ILE A 323 6.14 2.24 23.42
N PHE A 324 6.27 1.69 22.20
CA PHE A 324 5.64 0.42 21.88
C PHE A 324 6.32 -0.73 22.61
N VAL A 325 7.65 -0.72 22.69
CA VAL A 325 8.33 -1.74 23.46
C VAL A 325 7.99 -1.61 24.94
N ARG A 326 8.01 -0.37 25.47
CA ARG A 326 7.77 -0.18 26.89
C ARG A 326 6.38 -0.66 27.29
N LYS A 327 5.39 -0.36 26.47
CA LYS A 327 4.03 -0.64 26.93
C LYS A 327 3.59 -2.05 26.56
N PHE A 328 4.02 -2.56 25.41
CA PHE A 328 3.50 -3.85 24.94
C PHE A 328 4.49 -4.98 25.01
N GLN A 329 5.79 -4.67 25.22
CA GLN A 329 6.81 -5.69 25.41
C GLN A 329 7.60 -5.42 26.69
N PRO A 330 6.92 -5.24 27.83
CA PRO A 330 7.65 -4.86 29.03
C PRO A 330 8.76 -5.82 29.42
N ASP A 331 8.62 -7.13 29.13
CA ASP A 331 9.66 -8.07 29.56
C ASP A 331 10.93 -7.94 28.71
N ARG A 332 10.83 -7.28 27.56
CA ARG A 332 11.96 -7.10 26.67
C ARG A 332 12.51 -5.68 26.66
N TYR A 333 11.85 -4.74 27.35
CA TYR A 333 12.16 -3.32 27.19
C TYR A 333 13.60 -2.98 27.58
N GLN A 334 14.01 -3.35 28.79
CA GLN A 334 15.36 -3.01 29.21
C GLN A 334 16.41 -3.74 28.38
N LEU A 335 16.15 -4.99 27.99
CA LEU A 335 17.07 -5.71 27.10
C LEU A 335 17.19 -4.99 25.76
N TRP A 336 16.06 -4.52 25.23
CA TRP A 336 16.08 -3.78 23.97
C TRP A 336 16.89 -2.50 24.07
N LYS A 337 16.66 -1.71 25.13
CA LYS A 337 17.46 -0.49 25.29
C LYS A 337 18.94 -0.81 25.53
N GLN A 338 19.25 -1.95 26.15
CA GLN A 338 20.64 -2.36 26.27
C GLN A 338 21.27 -2.74 24.94
N GLY A 339 20.49 -2.85 23.88
CA GLY A 339 20.98 -3.38 22.61
C GLY A 339 21.11 -4.89 22.58
N LYS A 340 20.42 -5.60 23.47
CA LYS A 340 20.58 -7.04 23.61
C LYS A 340 19.32 -7.80 23.20
N ASP A 341 18.30 -7.12 22.68
CA ASP A 341 17.08 -7.79 22.23
C ASP A 341 17.27 -8.16 20.75
N ILE A 342 18.01 -9.25 20.54
CA ILE A 342 18.39 -9.70 19.21
C ILE A 342 17.51 -10.89 18.85
N TYR A 343 16.94 -10.87 17.65
CA TYR A 343 15.99 -11.90 17.24
C TYR A 343 15.89 -11.92 15.73
N THR A 344 15.37 -13.03 15.23
CA THR A 344 14.95 -13.13 13.84
C THR A 344 13.43 -13.22 13.82
N ILE A 345 12.80 -12.35 13.06
CA ILE A 345 11.34 -12.37 12.98
C ILE A 345 10.89 -13.67 12.33
N ASP A 346 9.85 -14.29 12.91
CA ASP A 346 9.15 -15.42 12.29
C ASP A 346 7.91 -14.86 11.61
N HIS A 347 7.96 -14.74 10.29
CA HIS A 347 6.86 -14.13 9.54
C HIS A 347 5.61 -15.00 9.54
N THR A 348 5.75 -16.30 9.77
CA THR A 348 4.62 -17.21 9.79
C THR A 348 3.83 -17.16 11.10
N LYS A 349 4.31 -16.41 12.10
CA LYS A 349 3.66 -16.29 13.39
C LYS A 349 2.76 -15.06 13.44
ZN ZN B . 16.74 7.13 0.91
NI NI C . 1.61 0.74 -0.03
C01 EM6 D . -0.67 6.01 -8.52
C02 EM6 D . -1.28 6.57 -7.25
C03 EM6 D . -1.12 5.49 -6.19
C04 EM6 D . 0.02 5.44 -5.24
C05 EM6 D . 1.09 6.50 -5.33
N06 EM6 D . 0.09 4.44 -4.33
C07 EM6 D . -0.90 3.49 -4.32
C08 EM6 D . -1.14 2.38 -3.51
C09 EM6 D . -0.31 1.88 -2.58
N10 EM6 D . 0.50 1.40 -1.87
C11 EM6 D . -2.31 1.70 -3.89
N12 EM6 D . -2.83 2.46 -4.91
N13 EM6 D . -1.95 3.51 -5.11
C14 EM6 D . -2.12 4.43 -6.09
O15 EM6 D . -3.15 4.40 -6.84
CL CL E . -1.80 1.50 -23.50
CL CL F . -1.28 5.40 2.77
CL CL G . 15.41 -0.99 -0.09
CL CL H . -6.77 0.58 -27.53
C1 EDO I . 9.07 20.78 -11.90
O1 EDO I . 8.11 21.78 -12.28
C2 EDO I . 8.36 19.45 -11.64
O2 EDO I . 9.36 18.57 -11.12
C1 EDO J . 5.51 21.70 -15.96
O1 EDO J . 4.25 21.05 -16.26
C2 EDO J . 6.00 21.37 -14.54
O2 EDO J . 7.31 21.91 -14.35
C1 EDO K . -24.14 2.25 6.00
O1 EDO K . -23.99 1.08 5.17
C2 EDO K . -22.84 2.52 6.74
O2 EDO K . -22.87 1.92 8.05
C1 EDO L . -3.87 -9.36 -13.92
O1 EDO L . -3.31 -10.64 -14.22
C2 EDO L . -3.00 -8.59 -12.93
O2 EDO L . -3.08 -9.16 -11.62
C1 EDO M . 7.50 -8.92 26.15
O1 EDO M . 6.54 -9.61 25.33
C2 EDO M . 6.73 -8.57 27.40
O2 EDO M . 6.46 -9.82 28.04
#